data_7JIA
#
_entry.id   7JIA
#
_entity_poly.entity_id   1
_entity_poly.type   'polypeptide(L)'
_entity_poly.pdbx_seq_one_letter_code
;CGGGFSCHDGETCCPTSQTTWGCC
;
_entity_poly.pdbx_strand_id   A
#
# COMPACT_ATOMS: atom_id res chain seq x y z
N CYS A 1 -6.76 1.65 -1.33
CA CYS A 1 -6.50 0.51 -2.19
C CYS A 1 -6.72 -0.80 -1.45
N GLY A 2 -6.71 -1.90 -2.18
CA GLY A 2 -6.91 -3.21 -1.58
C GLY A 2 -6.19 -4.31 -2.32
N GLY A 3 -4.87 -4.17 -2.47
CA GLY A 3 -4.08 -5.17 -3.16
C GLY A 3 -4.03 -6.48 -2.41
N GLY A 4 -2.98 -6.67 -1.61
CA GLY A 4 -2.82 -7.90 -0.85
C GLY A 4 -2.03 -7.68 0.42
N PHE A 5 -2.25 -6.55 1.08
CA PHE A 5 -1.55 -6.24 2.32
C PHE A 5 -2.44 -5.43 3.26
N SER A 6 -1.96 -5.21 4.47
CA SER A 6 -2.71 -4.45 5.47
C SER A 6 -1.96 -3.19 5.88
N CYS A 7 -2.70 -2.19 6.35
CA CYS A 7 -2.10 -0.92 6.77
C CYS A 7 -2.92 -0.29 7.89
N HIS A 8 -2.43 0.84 8.39
CA HIS A 8 -3.12 1.55 9.47
C HIS A 8 -3.89 2.75 8.93
N ASP A 9 -5.05 3.02 9.52
CA ASP A 9 -5.88 4.14 9.09
C ASP A 9 -5.08 5.43 9.08
N GLY A 10 -5.21 6.19 7.98
CA GLY A 10 -4.50 7.45 7.87
C GLY A 10 -3.38 7.38 6.84
N GLU A 11 -2.84 6.18 6.62
CA GLU A 11 -1.77 5.98 5.66
C GLU A 11 -2.29 6.03 4.23
N THR A 12 -1.44 6.45 3.31
CA THR A 12 -1.82 6.54 1.91
C THR A 12 -1.23 5.38 1.10
N CYS A 13 -1.92 4.99 0.03
CA CYS A 13 -1.48 3.90 -0.81
C CYS A 13 -0.60 4.42 -1.95
N CYS A 14 0.69 4.06 -1.91
CA CYS A 14 1.63 4.50 -2.93
C CYS A 14 2.44 3.32 -3.46
N PRO A 15 2.96 3.46 -4.69
CA PRO A 15 3.77 2.41 -5.32
C PRO A 15 5.12 2.22 -4.66
N THR A 16 5.33 1.04 -4.07
CA THR A 16 6.59 0.74 -3.40
C THR A 16 7.49 -0.13 -4.27
N SER A 17 6.88 -1.03 -5.02
CA SER A 17 7.62 -1.93 -5.89
C SER A 17 7.08 -1.88 -7.31
N GLN A 18 7.62 -2.73 -8.18
CA GLN A 18 7.19 -2.78 -9.58
C GLN A 18 5.98 -3.71 -9.74
N THR A 19 5.97 -4.80 -8.99
CA THR A 19 4.88 -5.76 -9.04
C THR A 19 3.92 -5.59 -7.88
N THR A 20 4.47 -5.24 -6.71
CA THR A 20 3.66 -5.04 -5.51
C THR A 20 3.71 -3.59 -5.07
N TRP A 21 2.67 -3.17 -4.35
CA TRP A 21 2.59 -1.80 -3.86
C TRP A 21 2.67 -1.76 -2.34
N GLY A 22 2.61 -0.56 -1.77
CA GLY A 22 2.67 -0.41 -0.32
C GLY A 22 2.06 0.89 0.15
N CYS A 23 2.33 1.23 1.41
CA CYS A 23 1.81 2.47 1.99
C CYS A 23 2.91 3.52 2.13
N CYS A 24 2.51 4.74 2.48
CA CYS A 24 3.46 5.83 2.64
C CYS A 24 3.48 6.32 4.08
N CYS A 1 -5.22 0.65 -4.95
CA CYS A 1 -4.15 0.56 -3.97
C CYS A 1 -3.43 -0.78 -4.05
N GLY A 2 -4.18 -1.86 -3.82
CA GLY A 2 -3.60 -3.19 -3.88
C GLY A 2 -4.63 -4.27 -3.64
N GLY A 3 -4.55 -4.92 -2.48
CA GLY A 3 -5.49 -5.98 -2.15
C GLY A 3 -4.80 -7.21 -1.61
N GLY A 4 -3.89 -7.01 -0.65
CA GLY A 4 -3.17 -8.12 -0.06
C GLY A 4 -2.49 -7.74 1.24
N PHE A 5 -1.77 -6.62 1.23
CA PHE A 5 -1.07 -6.15 2.42
C PHE A 5 -1.99 -5.33 3.31
N SER A 6 -1.66 -5.28 4.60
CA SER A 6 -2.47 -4.52 5.56
C SER A 6 -1.77 -3.23 5.95
N CYS A 7 -2.56 -2.25 6.38
CA CYS A 7 -2.02 -0.97 6.80
C CYS A 7 -2.89 -0.34 7.89
N HIS A 8 -2.45 0.81 8.39
CA HIS A 8 -3.18 1.52 9.44
C HIS A 8 -4.16 2.51 8.84
N ASP A 9 -5.32 2.66 9.48
CA ASP A 9 -6.34 3.58 9.01
C ASP A 9 -5.79 5.00 8.92
N GLY A 10 -6.14 5.71 7.85
CA GLY A 10 -5.69 7.07 7.67
C GLY A 10 -4.43 7.14 6.82
N GLU A 11 -3.64 6.07 6.83
CA GLU A 11 -2.40 6.02 6.06
C GLU A 11 -2.70 6.08 4.57
N THR A 12 -1.78 6.69 3.81
CA THR A 12 -1.93 6.81 2.36
C THR A 12 -1.30 5.64 1.63
N CYS A 13 -1.86 5.28 0.49
CA CYS A 13 -1.35 4.18 -0.31
C CYS A 13 -0.53 4.70 -1.49
N CYS A 14 0.73 4.26 -1.56
CA CYS A 14 1.62 4.67 -2.63
C CYS A 14 2.41 3.49 -3.18
N PRO A 15 2.87 3.61 -4.44
CA PRO A 15 3.65 2.56 -5.09
C PRO A 15 5.03 2.39 -4.49
N THR A 16 5.29 1.21 -3.94
CA THR A 16 6.58 0.91 -3.32
C THR A 16 7.45 0.08 -4.24
N SER A 17 6.83 -0.85 -4.95
CA SER A 17 7.55 -1.73 -5.87
C SER A 17 6.95 -1.66 -7.27
N GLN A 18 7.48 -2.47 -8.17
CA GLN A 18 7.00 -2.51 -9.54
C GLN A 18 5.81 -3.47 -9.68
N THR A 19 5.86 -4.57 -8.94
CA THR A 19 4.78 -5.55 -8.98
C THR A 19 3.84 -5.39 -7.80
N THR A 20 4.39 -5.03 -6.65
CA THR A 20 3.60 -4.84 -5.44
C THR A 20 3.63 -3.38 -4.99
N TRP A 21 2.62 -2.99 -4.23
CA TRP A 21 2.54 -1.61 -3.72
C TRP A 21 2.68 -1.58 -2.20
N GLY A 22 2.63 -0.37 -1.64
CA GLY A 22 2.77 -0.23 -0.20
C GLY A 22 2.10 1.03 0.31
N CYS A 23 2.46 1.43 1.53
CA CYS A 23 1.88 2.63 2.14
C CYS A 23 2.94 3.71 2.33
N CYS A 24 2.50 4.91 2.66
CA CYS A 24 3.41 6.03 2.86
C CYS A 24 3.40 6.48 4.32
N CYS A 1 -6.51 0.07 -3.01
CA CYS A 1 -5.73 -1.08 -2.57
C CYS A 1 -6.60 -2.05 -1.76
N GLY A 2 -7.85 -2.20 -2.18
CA GLY A 2 -8.76 -3.09 -1.49
C GLY A 2 -8.58 -4.53 -1.90
N GLY A 3 -7.65 -5.23 -1.25
CA GLY A 3 -7.40 -6.62 -1.57
C GLY A 3 -6.30 -7.22 -0.72
N GLY A 4 -5.13 -7.43 -1.33
CA GLY A 4 -4.02 -8.00 -0.61
C GLY A 4 -3.13 -6.95 0.03
N PHE A 5 -3.76 -5.97 0.68
CA PHE A 5 -3.02 -4.90 1.34
C PHE A 5 -3.79 -4.36 2.54
N SER A 6 -3.06 -3.92 3.55
CA SER A 6 -3.67 -3.39 4.77
C SER A 6 -2.70 -2.47 5.52
N CYS A 7 -3.23 -1.39 6.07
CA CYS A 7 -2.42 -0.43 6.81
C CYS A 7 -3.23 0.22 7.94
N HIS A 8 -2.58 1.11 8.68
CA HIS A 8 -3.24 1.80 9.79
C HIS A 8 -3.86 3.11 9.31
N ASP A 9 -4.86 3.58 10.05
CA ASP A 9 -5.54 4.82 9.71
C ASP A 9 -4.53 5.97 9.55
N GLY A 10 -4.73 6.78 8.52
CA GLY A 10 -3.84 7.90 8.27
C GLY A 10 -2.85 7.62 7.16
N GLU A 11 -2.54 6.34 6.95
CA GLU A 11 -1.61 5.94 5.90
C GLU A 11 -2.32 5.80 4.56
N THR A 12 -1.57 5.98 3.48
CA THR A 12 -2.13 5.87 2.13
C THR A 12 -1.40 4.81 1.32
N CYS A 13 -2.12 4.15 0.44
CA CYS A 13 -1.54 3.10 -0.40
C CYS A 13 -0.86 3.71 -1.62
N CYS A 14 0.46 3.60 -1.67
CA CYS A 14 1.25 4.12 -2.77
C CYS A 14 2.22 3.08 -3.31
N PRO A 15 2.64 3.25 -4.57
CA PRO A 15 3.58 2.34 -5.22
C PRO A 15 4.98 2.43 -4.65
N THR A 16 5.44 1.34 -4.04
CA THR A 16 6.78 1.30 -3.44
C THR A 16 7.78 0.66 -4.39
N SER A 17 7.33 -0.34 -5.14
CA SER A 17 8.20 -1.04 -6.08
C SER A 17 7.58 -1.05 -7.47
N GLN A 18 8.24 -1.76 -8.39
CA GLN A 18 7.75 -1.85 -9.77
C GLN A 18 6.75 -2.99 -9.91
N THR A 19 6.99 -4.08 -9.19
CA THR A 19 6.11 -5.24 -9.24
C THR A 19 5.18 -5.28 -8.03
N THR A 20 5.70 -4.85 -6.88
CA THR A 20 4.91 -4.83 -5.65
C THR A 20 4.67 -3.41 -5.17
N TRP A 21 3.60 -3.22 -4.41
CA TRP A 21 3.27 -1.91 -3.88
C TRP A 21 3.43 -1.87 -2.36
N GLY A 22 3.14 -0.71 -1.76
CA GLY A 22 3.26 -0.57 -0.33
C GLY A 22 2.46 0.60 0.21
N CYS A 23 2.82 1.06 1.40
CA CYS A 23 2.12 2.18 2.03
C CYS A 23 3.02 3.42 2.07
N CYS A 24 2.45 4.53 2.54
CA CYS A 24 3.19 5.78 2.63
C CYS A 24 3.38 6.20 4.09
N CYS A 1 -5.15 0.54 -5.23
CA CYS A 1 -4.46 0.04 -4.04
C CYS A 1 -5.13 -1.24 -3.53
N GLY A 2 -5.36 -2.18 -4.44
CA GLY A 2 -5.99 -3.44 -4.07
C GLY A 2 -5.03 -4.61 -4.16
N GLY A 3 -3.85 -4.46 -3.58
CA GLY A 3 -2.85 -5.52 -3.62
C GLY A 3 -3.21 -6.66 -2.69
N GLY A 4 -2.53 -6.72 -1.54
CA GLY A 4 -2.78 -7.79 -0.59
C GLY A 4 -2.05 -7.58 0.72
N PHE A 5 -2.04 -6.33 1.20
CA PHE A 5 -1.37 -6.00 2.45
C PHE A 5 -2.27 -5.14 3.34
N SER A 6 -2.03 -5.22 4.65
CA SER A 6 -2.81 -4.44 5.61
C SER A 6 -2.07 -3.19 6.05
N CYS A 7 -2.81 -2.18 6.47
CA CYS A 7 -2.22 -0.92 6.92
C CYS A 7 -3.09 -0.27 8.00
N HIS A 8 -2.64 0.88 8.49
CA HIS A 8 -3.36 1.61 9.53
C HIS A 8 -4.29 2.64 8.90
N ASP A 9 -5.48 2.79 9.49
CA ASP A 9 -6.46 3.75 8.99
C ASP A 9 -5.87 5.16 8.92
N GLY A 10 -6.11 5.84 7.80
CA GLY A 10 -5.60 7.18 7.63
C GLY A 10 -4.33 7.22 6.80
N GLU A 11 -3.58 6.12 6.82
CA GLU A 11 -2.34 6.02 6.06
C GLU A 11 -2.62 6.04 4.56
N THR A 12 -1.73 6.69 3.80
CA THR A 12 -1.87 6.78 2.36
C THR A 12 -1.06 5.70 1.66
N CYS A 13 -1.73 4.92 0.82
CA CYS A 13 -1.07 3.85 0.08
C CYS A 13 -0.30 4.41 -1.12
N CYS A 14 0.95 3.99 -1.26
CA CYS A 14 1.79 4.44 -2.35
C CYS A 14 2.54 3.27 -2.99
N PRO A 15 2.96 3.46 -4.25
CA PRO A 15 3.69 2.42 -5.00
C PRO A 15 5.09 2.21 -4.47
N THR A 16 5.37 1.00 -3.98
CA THR A 16 6.69 0.69 -3.44
C THR A 16 7.49 -0.15 -4.43
N SER A 17 6.82 -1.02 -5.16
CA SER A 17 7.48 -1.87 -6.14
C SER A 17 6.71 -1.89 -7.45
N GLN A 18 7.20 -2.67 -8.41
CA GLN A 18 6.55 -2.76 -9.72
C GLN A 18 5.41 -3.78 -9.68
N THR A 19 5.60 -4.85 -8.93
CA THR A 19 4.59 -5.88 -8.81
C THR A 19 3.80 -5.74 -7.51
N THR A 20 4.48 -5.32 -6.45
CA THR A 20 3.85 -5.14 -5.15
C THR A 20 3.83 -3.67 -4.75
N TRP A 21 2.89 -3.31 -3.88
CA TRP A 21 2.76 -1.94 -3.42
C TRP A 21 2.94 -1.85 -1.90
N GLY A 22 2.84 -0.64 -1.36
CA GLY A 22 3.00 -0.45 0.07
C GLY A 22 2.30 0.79 0.57
N CYS A 23 2.63 1.21 1.79
CA CYS A 23 2.02 2.39 2.39
C CYS A 23 3.07 3.49 2.59
N CYS A 24 2.59 4.70 2.87
CA CYS A 24 3.48 5.84 3.08
C CYS A 24 3.34 6.36 4.51
N CYS A 1 -7.48 0.56 -2.26
CA CYS A 1 -6.72 1.00 -3.43
C CYS A 1 -6.66 -0.10 -4.48
N GLY A 2 -6.59 -1.35 -4.02
CA GLY A 2 -6.53 -2.47 -4.95
C GLY A 2 -7.06 -3.75 -4.33
N GLY A 3 -6.60 -4.05 -3.11
CA GLY A 3 -7.04 -5.25 -2.42
C GLY A 3 -6.00 -6.36 -2.48
N GLY A 4 -4.77 -6.03 -2.09
CA GLY A 4 -3.71 -7.02 -2.10
C GLY A 4 -2.91 -7.04 -0.81
N PHE A 5 -2.69 -5.85 -0.24
CA PHE A 5 -1.94 -5.75 1.01
C PHE A 5 -2.62 -4.78 1.96
N SER A 6 -2.37 -4.97 3.26
CA SER A 6 -2.97 -4.12 4.29
C SER A 6 -2.07 -2.94 4.61
N CYS A 7 -2.60 -1.99 5.37
CA CYS A 7 -1.83 -0.80 5.74
C CYS A 7 -2.28 -0.28 7.11
N HIS A 8 -1.65 0.80 7.56
CA HIS A 8 -1.97 1.39 8.85
C HIS A 8 -3.06 2.45 8.71
N ASP A 9 -3.98 2.49 9.67
CA ASP A 9 -5.07 3.45 9.65
C ASP A 9 -4.54 4.87 9.45
N GLY A 10 -5.14 5.60 8.51
CA GLY A 10 -4.71 6.96 8.25
C GLY A 10 -3.69 7.04 7.13
N GLU A 11 -2.93 5.96 6.95
CA GLU A 11 -1.91 5.92 5.91
C GLU A 11 -2.53 5.72 4.54
N THR A 12 -1.96 6.37 3.54
CA THR A 12 -2.46 6.27 2.17
C THR A 12 -1.77 5.15 1.42
N CYS A 13 -2.53 4.46 0.55
CA CYS A 13 -1.98 3.36 -0.23
C CYS A 13 -1.26 3.88 -1.47
N CYS A 14 0.05 3.70 -1.50
CA CYS A 14 0.86 4.16 -2.63
C CYS A 14 1.87 3.08 -3.04
N PRO A 15 2.31 3.15 -4.30
CA PRO A 15 3.28 2.19 -4.85
C PRO A 15 4.67 2.36 -4.24
N THR A 16 5.22 1.27 -3.71
CA THR A 16 6.54 1.30 -3.11
C THR A 16 7.52 0.44 -3.90
N SER A 17 7.04 -0.66 -4.44
CA SER A 17 7.88 -1.56 -5.22
C SER A 17 7.40 -1.65 -6.67
N GLN A 18 7.97 -2.59 -7.42
CA GLN A 18 7.59 -2.77 -8.81
C GLN A 18 6.45 -3.77 -8.96
N THR A 19 6.46 -4.79 -8.10
CA THR A 19 5.43 -5.82 -8.12
C THR A 19 4.45 -5.65 -6.97
N THR A 20 4.97 -5.21 -5.82
CA THR A 20 4.15 -5.00 -4.64
C THR A 20 4.09 -3.52 -4.27
N TRP A 21 3.04 -3.15 -3.55
CA TRP A 21 2.87 -1.76 -3.13
C TRP A 21 3.13 -1.60 -1.64
N GLY A 22 2.98 -0.39 -1.13
CA GLY A 22 3.21 -0.13 0.28
C GLY A 22 2.35 1.01 0.81
N CYS A 23 2.66 1.46 2.02
CA CYS A 23 1.93 2.55 2.65
C CYS A 23 2.67 3.87 2.48
N CYS A 24 1.98 4.97 2.77
CA CYS A 24 2.57 6.30 2.66
C CYS A 24 2.79 6.92 4.03
N CYS A 1 -6.38 0.15 -3.08
CA CYS A 1 -5.19 -0.07 -2.28
C CYS A 1 -5.47 -1.04 -1.13
N GLY A 2 -6.21 -2.10 -1.42
CA GLY A 2 -6.54 -3.09 -0.41
C GLY A 2 -6.85 -4.45 -1.00
N GLY A 3 -5.94 -5.40 -0.80
CA GLY A 3 -6.14 -6.74 -1.32
C GLY A 3 -5.02 -7.68 -0.94
N GLY A 4 -3.79 -7.17 -0.94
CA GLY A 4 -2.65 -8.00 -0.58
C GLY A 4 -2.08 -7.64 0.77
N PHE A 5 -1.53 -6.44 0.87
CA PHE A 5 -0.93 -5.97 2.12
C PHE A 5 -1.93 -5.15 2.93
N SER A 6 -1.81 -5.17 4.25
CA SER A 6 -2.70 -4.43 5.12
C SER A 6 -2.02 -3.18 5.66
N CYS A 7 -2.82 -2.19 6.03
CA CYS A 7 -2.29 -0.94 6.56
C CYS A 7 -3.27 -0.31 7.54
N HIS A 8 -2.89 0.84 8.11
CA HIS A 8 -3.73 1.54 9.06
C HIS A 8 -4.63 2.56 8.36
N ASP A 9 -5.84 2.71 8.87
CA ASP A 9 -6.80 3.65 8.29
C ASP A 9 -6.22 5.06 8.26
N GLY A 10 -6.32 5.71 7.10
CA GLY A 10 -5.80 7.06 6.95
C GLY A 10 -4.46 7.09 6.24
N GLU A 11 -3.71 6.00 6.34
CA GLU A 11 -2.41 5.91 5.69
C GLU A 11 -2.54 6.03 4.18
N THR A 12 -1.58 6.72 3.56
CA THR A 12 -1.58 6.90 2.12
C THR A 12 -0.79 5.80 1.42
N CYS A 13 -1.45 5.07 0.53
CA CYS A 13 -0.81 4.00 -0.21
C CYS A 13 0.04 4.55 -1.36
N CYS A 14 1.28 4.08 -1.44
CA CYS A 14 2.20 4.52 -2.49
C CYS A 14 2.94 3.34 -3.09
N PRO A 15 3.42 3.52 -4.33
CA PRO A 15 4.17 2.47 -5.05
C PRO A 15 5.54 2.23 -4.44
N THR A 16 5.75 1.02 -3.92
CA THR A 16 7.02 0.65 -3.31
C THR A 16 7.85 -0.22 -4.25
N SER A 17 7.18 -1.07 -5.01
CA SER A 17 7.85 -1.96 -5.95
C SER A 17 7.20 -1.89 -7.33
N GLN A 18 7.69 -2.72 -8.25
CA GLN A 18 7.15 -2.75 -9.60
C GLN A 18 5.95 -3.68 -9.69
N THR A 19 6.00 -4.79 -8.94
CA THR A 19 4.92 -5.76 -8.93
C THR A 19 4.03 -5.58 -7.71
N THR A 20 4.64 -5.23 -6.59
CA THR A 20 3.90 -5.03 -5.35
C THR A 20 3.97 -3.58 -4.90
N TRP A 21 2.97 -3.16 -4.11
CA TRP A 21 2.91 -1.79 -3.62
C TRP A 21 3.00 -1.76 -2.10
N GLY A 22 2.96 -0.56 -1.53
CA GLY A 22 3.04 -0.42 -0.09
C GLY A 22 2.41 0.88 0.39
N CYS A 23 2.69 1.24 1.65
CA CYS A 23 2.16 2.45 2.24
C CYS A 23 3.27 3.46 2.51
N CYS A 24 2.89 4.70 2.76
CA CYS A 24 3.86 5.77 3.04
C CYS A 24 3.75 6.23 4.49
N CYS A 1 -5.91 -1.44 1.02
CA CYS A 1 -6.15 -0.52 -0.09
C CYS A 1 -5.92 -1.21 -1.43
N GLY A 2 -4.90 -2.06 -1.48
CA GLY A 2 -4.59 -2.77 -2.72
C GLY A 2 -5.51 -3.95 -2.95
N GLY A 3 -5.66 -4.80 -1.93
CA GLY A 3 -6.51 -5.96 -2.05
C GLY A 3 -6.05 -7.11 -1.19
N GLY A 4 -4.75 -7.43 -1.28
CA GLY A 4 -4.20 -8.52 -0.50
C GLY A 4 -3.86 -8.11 0.92
N PHE A 5 -2.82 -7.29 1.06
CA PHE A 5 -2.40 -6.83 2.38
C PHE A 5 -3.30 -5.70 2.88
N SER A 6 -2.95 -5.13 4.03
CA SER A 6 -3.74 -4.05 4.61
C SER A 6 -2.83 -2.97 5.18
N CYS A 7 -3.42 -1.84 5.57
CA CYS A 7 -2.67 -0.73 6.13
C CYS A 7 -3.44 -0.09 7.29
N HIS A 8 -2.75 0.78 8.03
CA HIS A 8 -3.36 1.47 9.15
C HIS A 8 -3.97 2.79 8.72
N ASP A 9 -5.06 3.19 9.37
CA ASP A 9 -5.74 4.44 9.05
C ASP A 9 -4.76 5.61 9.06
N GLY A 10 -4.91 6.52 8.10
CA GLY A 10 -4.03 7.66 8.02
C GLY A 10 -2.94 7.50 6.98
N GLU A 11 -2.58 6.25 6.71
CA GLU A 11 -1.55 5.95 5.72
C GLU A 11 -2.09 6.03 4.30
N THR A 12 -1.24 6.42 3.36
CA THR A 12 -1.65 6.54 1.97
C THR A 12 -1.07 5.40 1.13
N CYS A 13 -1.90 4.82 0.28
CA CYS A 13 -1.48 3.72 -0.59
C CYS A 13 -0.68 4.25 -1.78
N CYS A 14 0.63 4.08 -1.73
CA CYS A 14 1.50 4.54 -2.80
C CYS A 14 2.37 3.39 -3.32
N PRO A 15 2.85 3.53 -4.57
CA PRO A 15 3.70 2.51 -5.19
C PRO A 15 5.09 2.45 -4.58
N THR A 16 5.41 1.32 -3.96
CA THR A 16 6.71 1.14 -3.32
C THR A 16 7.70 0.46 -4.26
N SER A 17 7.22 -0.54 -4.99
CA SER A 17 8.06 -1.27 -5.93
C SER A 17 7.36 -1.45 -7.26
N GLN A 18 7.97 -2.21 -8.16
CA GLN A 18 7.40 -2.45 -9.49
C GLN A 18 6.54 -3.71 -9.48
N THR A 19 6.91 -4.67 -8.65
CA THR A 19 6.18 -5.93 -8.54
C THR A 19 5.06 -5.82 -7.51
N THR A 20 5.34 -5.13 -6.41
CA THR A 20 4.35 -4.96 -5.35
C THR A 20 4.28 -3.51 -4.89
N TRP A 21 3.16 -3.14 -4.28
CA TRP A 21 2.97 -1.78 -3.80
C TRP A 21 2.98 -1.73 -2.27
N GLY A 22 2.77 -0.54 -1.71
CA GLY A 22 2.76 -0.39 -0.26
C GLY A 22 2.11 0.90 0.17
N CYS A 23 2.44 1.35 1.38
CA CYS A 23 1.89 2.58 1.92
C CYS A 23 2.97 3.64 2.09
N CYS A 24 2.57 4.85 2.46
CA CYS A 24 3.51 5.95 2.65
C CYS A 24 3.64 6.30 4.12
N CYS A 1 -6.09 -1.00 -3.15
CA CYS A 1 -5.31 -1.22 -1.95
C CYS A 1 -5.95 -2.27 -1.06
N GLY A 2 -6.38 -3.37 -1.66
CA GLY A 2 -7.03 -4.43 -0.89
C GLY A 2 -6.52 -5.80 -1.28
N GLY A 3 -7.30 -6.83 -0.98
CA GLY A 3 -6.90 -8.19 -1.29
C GLY A 3 -5.88 -8.74 -0.32
N GLY A 4 -4.68 -8.17 -0.34
CA GLY A 4 -3.63 -8.62 0.55
C GLY A 4 -2.81 -7.47 1.12
N PHE A 5 -3.49 -6.41 1.54
CA PHE A 5 -2.82 -5.25 2.09
C PHE A 5 -3.37 -4.91 3.47
N SER A 6 -2.47 -4.62 4.41
CA SER A 6 -2.87 -4.28 5.77
C SER A 6 -2.03 -3.12 6.30
N CYS A 7 -2.71 -2.05 6.67
CA CYS A 7 -2.04 -0.86 7.20
C CYS A 7 -2.93 -0.12 8.19
N HIS A 8 -2.37 0.89 8.85
CA HIS A 8 -3.11 1.68 9.82
C HIS A 8 -3.80 2.87 9.15
N ASP A 9 -4.99 3.20 9.63
CA ASP A 9 -5.75 4.33 9.08
C ASP A 9 -4.88 5.57 8.98
N GLY A 10 -4.95 6.25 7.85
CA GLY A 10 -4.17 7.46 7.65
C GLY A 10 -3.08 7.28 6.63
N GLU A 11 -2.62 6.04 6.46
CA GLU A 11 -1.56 5.73 5.50
C GLU A 11 -1.95 6.18 4.10
N THR A 12 -0.99 6.16 3.19
CA THR A 12 -1.23 6.56 1.81
C THR A 12 -0.78 5.48 0.83
N CYS A 13 -1.62 5.18 -0.15
CA CYS A 13 -1.32 4.17 -1.14
C CYS A 13 -0.35 4.71 -2.19
N CYS A 14 0.90 4.26 -2.12
CA CYS A 14 1.93 4.70 -3.05
C CYS A 14 2.76 3.52 -3.54
N PRO A 15 3.39 3.68 -4.71
CA PRO A 15 4.22 2.64 -5.32
C PRO A 15 5.52 2.41 -4.55
N THR A 16 5.67 1.22 -3.99
CA THR A 16 6.87 0.88 -3.23
C THR A 16 7.82 0.01 -4.04
N SER A 17 7.24 -0.88 -4.84
CA SER A 17 8.04 -1.77 -5.68
C SER A 17 7.66 -1.64 -7.14
N GLN A 18 8.17 -2.54 -7.98
CA GLN A 18 7.88 -2.51 -9.41
C GLN A 18 6.64 -3.33 -9.73
N THR A 19 6.46 -4.43 -9.01
CA THR A 19 5.30 -5.30 -9.22
C THR A 19 4.28 -5.13 -8.10
N THR A 20 4.77 -4.91 -6.89
CA THR A 20 3.89 -4.72 -5.73
C THR A 20 3.99 -3.30 -5.18
N TRP A 21 2.94 -2.87 -4.49
CA TRP A 21 2.92 -1.54 -3.91
C TRP A 21 2.96 -1.60 -2.38
N GLY A 22 2.87 -0.43 -1.75
CA GLY A 22 2.91 -0.38 -0.30
C GLY A 22 2.38 0.92 0.26
N CYS A 23 2.42 1.08 1.57
CA CYS A 23 1.94 2.30 2.22
C CYS A 23 3.05 3.34 2.31
N CYS A 24 2.67 4.58 2.55
CA CYS A 24 3.62 5.67 2.67
C CYS A 24 3.82 6.07 4.12
N CYS A 1 -5.49 0.68 -5.11
CA CYS A 1 -4.57 0.14 -4.12
C CYS A 1 -4.72 -1.38 -4.03
N GLY A 2 -3.61 -2.10 -4.17
CA GLY A 2 -3.64 -3.54 -4.09
C GLY A 2 -4.26 -4.04 -2.80
N GLY A 3 -4.38 -5.36 -2.67
CA GLY A 3 -4.96 -5.94 -1.48
C GLY A 3 -4.17 -7.14 -0.98
N GLY A 4 -2.89 -6.93 -0.70
CA GLY A 4 -2.05 -8.02 -0.22
C GLY A 4 -1.27 -7.63 1.02
N PHE A 5 -1.86 -6.80 1.86
CA PHE A 5 -1.21 -6.36 3.09
C PHE A 5 -2.17 -5.53 3.95
N SER A 6 -1.77 -5.28 5.19
CA SER A 6 -2.59 -4.50 6.11
C SER A 6 -1.86 -3.24 6.56
N CYS A 7 -2.63 -2.21 6.87
CA CYS A 7 -2.05 -0.94 7.31
C CYS A 7 -2.99 -0.22 8.28
N HIS A 8 -2.50 0.86 8.88
CA HIS A 8 -3.30 1.63 9.83
C HIS A 8 -4.05 2.74 9.12
N ASP A 9 -5.32 2.93 9.50
CA ASP A 9 -6.16 3.96 8.90
C ASP A 9 -5.43 5.30 8.88
N GLY A 10 -5.51 5.99 7.74
CA GLY A 10 -4.85 7.28 7.61
C GLY A 10 -3.67 7.24 6.67
N GLU A 11 -3.05 6.06 6.54
CA GLU A 11 -1.90 5.90 5.66
C GLU A 11 -2.24 6.31 4.23
N THR A 12 -1.21 6.42 3.40
CA THR A 12 -1.39 6.81 2.01
C THR A 12 -0.97 5.69 1.06
N CYS A 13 -1.83 5.39 0.09
CA CYS A 13 -1.54 4.34 -0.88
C CYS A 13 -0.59 4.83 -1.96
N CYS A 14 0.64 4.31 -1.93
CA CYS A 14 1.65 4.70 -2.89
C CYS A 14 2.41 3.48 -3.42
N PRO A 15 3.01 3.61 -4.60
CA PRO A 15 3.76 2.53 -5.24
C PRO A 15 5.07 2.24 -4.51
N THR A 16 5.19 1.03 -3.95
CA THR A 16 6.38 0.64 -3.23
C THR A 16 7.26 -0.28 -4.08
N SER A 17 6.62 -1.14 -4.88
CA SER A 17 7.34 -2.07 -5.74
C SER A 17 6.88 -1.93 -7.18
N GLN A 18 7.38 -2.82 -8.05
CA GLN A 18 7.02 -2.80 -9.45
C GLN A 18 5.79 -3.64 -9.71
N THR A 19 5.66 -4.75 -8.99
CA THR A 19 4.53 -5.65 -9.15
C THR A 19 3.49 -5.41 -8.05
N THR A 20 3.97 -5.10 -6.85
CA THR A 20 3.08 -4.84 -5.72
C THR A 20 3.27 -3.43 -5.18
N TRP A 21 2.26 -2.94 -4.46
CA TRP A 21 2.32 -1.60 -3.89
C TRP A 21 2.37 -1.67 -2.37
N GLY A 22 2.41 -0.51 -1.73
CA GLY A 22 2.47 -0.46 -0.28
C GLY A 22 2.00 0.88 0.27
N CYS A 23 2.17 1.07 1.57
CA CYS A 23 1.76 2.31 2.23
C CYS A 23 2.95 3.26 2.37
N CYS A 24 2.64 4.53 2.61
CA CYS A 24 3.68 5.55 2.76
C CYS A 24 3.90 5.89 4.23
N CYS A 1 -7.47 2.51 -2.31
CA CYS A 1 -6.42 1.55 -2.02
C CYS A 1 -6.49 0.36 -2.96
N GLY A 2 -5.55 -0.57 -2.80
CA GLY A 2 -5.52 -1.75 -3.65
C GLY A 2 -6.42 -2.87 -3.13
N GLY A 3 -5.96 -3.53 -2.07
CA GLY A 3 -6.74 -4.61 -1.49
C GLY A 3 -5.91 -5.86 -1.26
N GLY A 4 -4.94 -6.09 -2.13
CA GLY A 4 -4.09 -7.26 -2.00
C GLY A 4 -3.46 -7.36 -0.62
N PHE A 5 -3.02 -6.23 -0.10
CA PHE A 5 -2.38 -6.20 1.22
C PHE A 5 -3.11 -5.23 2.15
N SER A 6 -2.58 -5.07 3.36
CA SER A 6 -3.18 -4.18 4.35
C SER A 6 -2.26 -3.00 4.63
N CYS A 7 -2.80 -1.98 5.30
CA CYS A 7 -2.03 -0.79 5.65
C CYS A 7 -2.44 -0.25 7.01
N HIS A 8 -1.81 0.85 7.42
CA HIS A 8 -2.11 1.46 8.70
C HIS A 8 -3.21 2.52 8.56
N ASP A 9 -3.98 2.73 9.61
CA ASP A 9 -5.06 3.71 9.59
C ASP A 9 -4.51 5.10 9.31
N GLY A 10 -5.12 5.77 8.32
CA GLY A 10 -4.68 7.11 7.96
C GLY A 10 -3.68 7.11 6.83
N GLU A 11 -2.93 6.01 6.70
CA GLU A 11 -1.93 5.88 5.66
C GLU A 11 -2.58 5.60 4.31
N THR A 12 -2.00 6.15 3.24
CA THR A 12 -2.53 5.95 1.90
C THR A 12 -1.75 4.87 1.16
N CYS A 13 -2.42 4.18 0.25
CA CYS A 13 -1.79 3.12 -0.53
C CYS A 13 -1.00 3.69 -1.69
N CYS A 14 0.32 3.73 -1.54
CA CYS A 14 1.20 4.25 -2.59
C CYS A 14 2.14 3.16 -3.10
N PRO A 15 2.59 3.33 -4.35
CA PRO A 15 3.50 2.37 -5.00
C PRO A 15 4.90 2.41 -4.39
N THR A 16 5.30 1.30 -3.78
CA THR A 16 6.61 1.21 -3.15
C THR A 16 7.58 0.41 -4.03
N SER A 17 7.06 -0.60 -4.70
CA SER A 17 7.88 -1.44 -5.57
C SER A 17 7.22 -1.61 -6.94
N GLN A 18 7.88 -2.37 -7.82
CA GLN A 18 7.36 -2.60 -9.16
C GLN A 18 6.39 -3.79 -9.17
N THR A 19 6.69 -4.80 -8.36
CA THR A 19 5.86 -5.98 -8.27
C THR A 19 4.83 -5.86 -7.15
N THR A 20 5.24 -5.22 -6.05
CA THR A 20 4.36 -5.03 -4.91
C THR A 20 4.28 -3.56 -4.52
N TRP A 21 3.23 -3.21 -3.77
CA TRP A 21 3.04 -1.83 -3.33
C TRP A 21 3.18 -1.72 -1.82
N GLY A 22 2.99 -0.51 -1.30
CA GLY A 22 3.11 -0.30 0.13
C GLY A 22 2.28 0.88 0.61
N CYS A 23 2.51 1.30 1.86
CA CYS A 23 1.79 2.42 2.43
C CYS A 23 2.55 3.73 2.24
N CYS A 24 1.93 4.83 2.59
CA CYS A 24 2.55 6.14 2.46
C CYS A 24 2.90 6.72 3.84
N CYS A 1 -5.27 0.69 -5.45
CA CYS A 1 -3.85 0.58 -5.11
C CYS A 1 -3.44 -0.88 -4.96
N GLY A 2 -4.12 -1.61 -4.07
CA GLY A 2 -3.80 -3.00 -3.86
C GLY A 2 -4.90 -3.74 -3.13
N GLY A 3 -4.68 -4.05 -1.86
CA GLY A 3 -5.68 -4.76 -1.08
C GLY A 3 -5.10 -5.96 -0.36
N GLY A 4 -4.15 -6.63 -0.99
CA GLY A 4 -3.54 -7.80 -0.38
C GLY A 4 -2.95 -7.50 0.98
N PHE A 5 -1.92 -6.67 1.02
CA PHE A 5 -1.27 -6.30 2.27
C PHE A 5 -2.24 -5.58 3.20
N SER A 6 -1.74 -5.13 4.34
CA SER A 6 -2.56 -4.43 5.31
C SER A 6 -1.87 -3.15 5.79
N CYS A 7 -2.67 -2.17 6.19
CA CYS A 7 -2.15 -0.89 6.67
C CYS A 7 -3.03 -0.32 7.76
N HIS A 8 -2.54 0.72 8.42
CA HIS A 8 -3.27 1.37 9.49
C HIS A 8 -4.11 2.53 8.96
N ASP A 9 -5.29 2.72 9.54
CA ASP A 9 -6.19 3.80 9.13
C ASP A 9 -5.46 5.14 9.14
N GLY A 10 -5.68 5.94 8.09
CA GLY A 10 -5.04 7.24 8.00
C GLY A 10 -3.88 7.25 7.02
N GLU A 11 -3.27 6.09 6.83
CA GLU A 11 -2.14 5.96 5.92
C GLU A 11 -2.61 5.82 4.47
N THR A 12 -1.98 6.58 3.57
CA THR A 12 -2.35 6.55 2.16
C THR A 12 -1.54 5.50 1.41
N CYS A 13 -2.16 4.86 0.43
CA CYS A 13 -1.49 3.84 -0.36
C CYS A 13 -0.58 4.47 -1.41
N CYS A 14 0.65 3.99 -1.47
CA CYS A 14 1.62 4.51 -2.44
C CYS A 14 2.40 3.38 -3.09
N PRO A 15 2.89 3.62 -4.32
CA PRO A 15 3.65 2.63 -5.08
C PRO A 15 5.03 2.37 -4.48
N THR A 16 5.25 1.13 -4.06
CA THR A 16 6.52 0.74 -3.46
C THR A 16 7.38 -0.05 -4.45
N SER A 17 6.73 -0.87 -5.26
CA SER A 17 7.43 -1.69 -6.25
C SER A 17 6.61 -1.81 -7.53
N GLN A 18 7.18 -2.48 -8.52
CA GLN A 18 6.50 -2.67 -9.80
C GLN A 18 5.45 -3.77 -9.70
N THR A 19 5.76 -4.81 -8.93
CA THR A 19 4.85 -5.93 -8.75
C THR A 19 4.06 -5.80 -7.45
N THR A 20 4.71 -5.27 -6.42
CA THR A 20 4.08 -5.10 -5.12
C THR A 20 3.94 -3.62 -4.78
N TRP A 21 2.98 -3.30 -3.91
CA TRP A 21 2.75 -1.93 -3.50
C TRP A 21 2.79 -1.80 -1.98
N GLY A 22 2.58 -0.58 -1.48
CA GLY A 22 2.61 -0.35 -0.05
C GLY A 22 1.94 0.96 0.33
N CYS A 23 2.29 1.48 1.51
CA CYS A 23 1.73 2.72 2.00
C CYS A 23 2.80 3.80 2.10
N CYS A 24 2.41 4.96 2.61
CA CYS A 24 3.35 6.08 2.77
C CYS A 24 3.60 6.36 4.26
N CYS A 1 -3.80 0.72 -5.91
CA CYS A 1 -3.67 0.20 -4.55
C CYS A 1 -4.51 -1.05 -4.36
N GLY A 2 -3.87 -2.21 -4.47
CA GLY A 2 -4.58 -3.47 -4.31
C GLY A 2 -5.05 -3.69 -2.89
N GLY A 3 -5.49 -4.91 -2.60
CA GLY A 3 -5.97 -5.23 -1.27
C GLY A 3 -5.39 -6.53 -0.74
N GLY A 4 -4.10 -6.73 -0.94
CA GLY A 4 -3.45 -7.94 -0.47
C GLY A 4 -2.82 -7.78 0.90
N PHE A 5 -2.04 -6.72 1.07
CA PHE A 5 -1.38 -6.45 2.33
C PHE A 5 -2.29 -5.66 3.26
N SER A 6 -1.76 -5.30 4.43
CA SER A 6 -2.53 -4.55 5.42
C SER A 6 -1.80 -3.27 5.81
N CYS A 7 -2.57 -2.28 6.26
CA CYS A 7 -2.00 -1.00 6.67
C CYS A 7 -2.84 -0.36 7.79
N HIS A 8 -2.38 0.78 8.28
CA HIS A 8 -3.08 1.49 9.35
C HIS A 8 -4.09 2.47 8.77
N ASP A 9 -5.24 2.58 9.43
CA ASP A 9 -6.30 3.48 8.98
C ASP A 9 -5.76 4.91 8.84
N GLY A 10 -6.14 5.58 7.75
CA GLY A 10 -5.69 6.94 7.52
C GLY A 10 -4.44 6.99 6.67
N GLU A 11 -3.64 5.93 6.71
CA GLU A 11 -2.41 5.87 5.94
C GLU A 11 -2.70 5.86 4.45
N THR A 12 -1.89 6.60 3.68
CA THR A 12 -2.06 6.69 2.25
C THR A 12 -1.25 5.62 1.52
N CYS A 13 -1.90 4.90 0.61
CA CYS A 13 -1.23 3.84 -0.14
C CYS A 13 -0.37 4.43 -1.26
N CYS A 14 0.87 3.96 -1.36
CA CYS A 14 1.79 4.44 -2.37
C CYS A 14 2.54 3.28 -3.02
N PRO A 15 2.98 3.48 -4.27
CA PRO A 15 3.71 2.46 -5.03
C PRO A 15 5.11 2.23 -4.48
N THR A 16 5.35 1.02 -4.00
CA THR A 16 6.65 0.66 -3.44
C THR A 16 7.47 -0.17 -4.42
N SER A 17 6.79 -1.03 -5.18
CA SER A 17 7.45 -1.88 -6.16
C SER A 17 6.69 -1.89 -7.48
N GLN A 18 7.16 -2.70 -8.41
CA GLN A 18 6.52 -2.79 -9.73
C GLN A 18 5.36 -3.79 -9.70
N THR A 19 5.52 -4.86 -8.93
CA THR A 19 4.49 -5.89 -8.82
C THR A 19 3.69 -5.72 -7.54
N THR A 20 4.37 -5.30 -6.47
CA THR A 20 3.72 -5.11 -5.18
C THR A 20 3.72 -3.65 -4.78
N TRP A 21 2.73 -3.25 -4.00
CA TRP A 21 2.60 -1.87 -3.55
C TRP A 21 2.76 -1.78 -2.03
N GLY A 22 2.69 -0.56 -1.51
CA GLY A 22 2.84 -0.35 -0.07
C GLY A 22 2.14 0.91 0.40
N CYS A 23 2.55 1.39 1.57
CA CYS A 23 1.96 2.61 2.14
C CYS A 23 3.02 3.68 2.32
N CYS A 24 2.58 4.89 2.68
CA CYS A 24 3.49 6.00 2.89
C CYS A 24 3.61 6.35 4.37
N CYS A 1 -7.25 -1.63 -1.09
CA CYS A 1 -6.40 -0.89 -2.01
C CYS A 1 -6.29 -1.60 -3.35
N GLY A 2 -5.96 -2.89 -3.31
CA GLY A 2 -5.83 -3.66 -4.52
C GLY A 2 -6.25 -5.11 -4.34
N GLY A 3 -5.28 -5.95 -3.98
CA GLY A 3 -5.58 -7.37 -3.79
C GLY A 3 -5.67 -7.73 -2.31
N GLY A 4 -4.72 -7.23 -1.52
CA GLY A 4 -4.71 -7.51 -0.10
C GLY A 4 -3.81 -6.58 0.68
N PHE A 5 -4.01 -5.28 0.50
CA PHE A 5 -3.21 -4.28 1.19
C PHE A 5 -4.04 -3.54 2.23
N SER A 6 -3.41 -3.20 3.35
CA SER A 6 -4.09 -2.49 4.43
C SER A 6 -3.10 -1.75 5.32
N CYS A 7 -3.53 -0.65 5.90
CA CYS A 7 -2.68 0.14 6.78
C CYS A 7 -3.49 0.77 7.91
N HIS A 8 -2.80 1.47 8.80
CA HIS A 8 -3.46 2.13 9.93
C HIS A 8 -3.89 3.55 9.56
N ASP A 9 -4.77 4.12 10.37
CA ASP A 9 -5.26 5.48 10.13
C ASP A 9 -4.11 6.45 9.96
N GLY A 10 -4.20 7.29 8.94
CA GLY A 10 -3.15 8.26 8.68
C GLY A 10 -2.25 7.86 7.52
N GLU A 11 -2.14 6.55 7.28
CA GLU A 11 -1.31 6.05 6.20
C GLU A 11 -2.13 5.85 4.93
N THR A 12 -1.44 5.63 3.81
CA THR A 12 -2.11 5.43 2.53
C THR A 12 -1.34 4.44 1.66
N CYS A 13 -2.07 3.74 0.79
CA CYS A 13 -1.46 2.76 -0.10
C CYS A 13 -0.76 3.43 -1.27
N CYS A 14 0.56 3.32 -1.31
CA CYS A 14 1.35 3.93 -2.37
C CYS A 14 2.24 2.89 -3.05
N PRO A 15 2.57 3.14 -4.33
CA PRO A 15 3.43 2.23 -5.11
C PRO A 15 4.87 2.23 -4.64
N THR A 16 5.31 1.07 -4.15
CA THR A 16 6.68 0.93 -3.65
C THR A 16 7.59 0.31 -4.71
N SER A 17 7.04 -0.63 -5.47
CA SER A 17 7.80 -1.30 -6.52
C SER A 17 6.94 -1.52 -7.76
N GLN A 18 7.56 -2.08 -8.80
CA GLN A 18 6.85 -2.33 -10.05
C GLN A 18 5.98 -3.59 -9.94
N THR A 19 6.47 -4.58 -9.21
CA THR A 19 5.74 -5.83 -9.03
C THR A 19 5.00 -5.84 -7.69
N THR A 20 5.62 -5.24 -6.68
CA THR A 20 5.01 -5.18 -5.35
C THR A 20 4.68 -3.75 -4.96
N TRP A 21 3.75 -3.59 -4.03
CA TRP A 21 3.34 -2.27 -3.56
C TRP A 21 3.50 -2.15 -2.05
N GLY A 22 3.16 -0.98 -1.51
CA GLY A 22 3.26 -0.77 -0.08
C GLY A 22 2.47 0.44 0.38
N CYS A 23 2.87 1.02 1.50
CA CYS A 23 2.18 2.18 2.05
C CYS A 23 3.09 3.41 2.03
N CYS A 24 2.55 4.54 2.47
CA CYS A 24 3.30 5.79 2.50
C CYS A 24 3.79 6.10 3.92
N CYS A 1 -8.12 1.39 -0.89
CA CYS A 1 -7.80 0.08 -0.33
C CYS A 1 -8.92 -0.42 0.56
N GLY A 2 -9.53 -1.54 0.17
CA GLY A 2 -10.62 -2.11 0.95
C GLY A 2 -10.87 -3.56 0.60
N GLY A 3 -9.80 -4.31 0.36
CA GLY A 3 -9.94 -5.72 0.02
C GLY A 3 -8.61 -6.37 -0.28
N GLY A 4 -8.12 -6.16 -1.50
CA GLY A 4 -6.84 -6.75 -1.90
C GLY A 4 -5.71 -6.33 -0.99
N PHE A 5 -5.06 -5.22 -1.33
CA PHE A 5 -3.94 -4.72 -0.54
C PHE A 5 -4.42 -4.21 0.82
N SER A 6 -3.48 -3.95 1.71
CA SER A 6 -3.80 -3.46 3.05
C SER A 6 -2.78 -2.41 3.50
N CYS A 7 -3.21 -1.54 4.40
CA CYS A 7 -2.34 -0.49 4.93
C CYS A 7 -2.72 -0.13 6.36
N HIS A 8 -1.99 0.81 6.94
CA HIS A 8 -2.25 1.25 8.31
C HIS A 8 -3.23 2.41 8.34
N ASP A 9 -4.00 2.51 9.42
CA ASP A 9 -4.98 3.58 9.56
C ASP A 9 -4.33 4.94 9.37
N GLY A 10 -4.87 5.72 8.44
CA GLY A 10 -4.32 7.04 8.17
C GLY A 10 -3.33 7.03 7.03
N GLU A 11 -2.68 5.90 6.81
CA GLU A 11 -1.70 5.77 5.74
C GLU A 11 -2.38 5.56 4.39
N THR A 12 -1.70 5.96 3.32
CA THR A 12 -2.24 5.83 1.98
C THR A 12 -1.56 4.70 1.22
N CYS A 13 -2.30 4.09 0.29
CA CYS A 13 -1.76 2.99 -0.50
C CYS A 13 -1.01 3.51 -1.71
N CYS A 14 0.32 3.36 -1.69
CA CYS A 14 1.16 3.81 -2.79
C CYS A 14 2.22 2.77 -3.13
N PRO A 15 2.68 2.79 -4.39
CA PRO A 15 3.70 1.86 -4.87
C PRO A 15 5.07 2.13 -4.27
N THR A 16 5.58 1.19 -3.48
CA THR A 16 6.87 1.32 -2.84
C THR A 16 7.98 0.75 -3.72
N SER A 17 7.73 -0.41 -4.30
CA SER A 17 8.71 -1.08 -5.15
C SER A 17 8.16 -1.25 -6.57
N GLN A 18 8.92 -1.93 -7.41
CA GLN A 18 8.52 -2.16 -8.79
C GLN A 18 7.63 -3.39 -8.91
N THR A 19 7.93 -4.40 -8.10
CA THR A 19 7.17 -5.65 -8.10
C THR A 19 6.15 -5.67 -6.96
N THR A 20 6.54 -5.10 -5.83
CA THR A 20 5.66 -5.06 -4.66
C THR A 20 5.26 -3.62 -4.33
N TRP A 21 4.11 -3.48 -3.68
CA TRP A 21 3.61 -2.16 -3.31
C TRP A 21 3.67 -1.97 -1.79
N GLY A 22 3.18 -0.82 -1.33
CA GLY A 22 3.19 -0.54 0.10
C GLY A 22 2.33 0.66 0.45
N CYS A 23 2.69 1.35 1.53
CA CYS A 23 1.95 2.52 1.98
C CYS A 23 2.83 3.77 1.90
N CYS A 24 2.21 4.92 2.16
CA CYS A 24 2.92 6.20 2.11
C CYS A 24 2.77 6.96 3.42
N CYS A 1 -7.71 0.26 -0.07
CA CYS A 1 -6.43 -0.34 -0.45
C CYS A 1 -6.46 -1.85 -0.26
N GLY A 2 -7.53 -2.49 -0.72
CA GLY A 2 -7.65 -3.93 -0.58
C GLY A 2 -7.05 -4.67 -1.76
N GLY A 3 -6.24 -5.68 -1.46
CA GLY A 3 -5.61 -6.46 -2.51
C GLY A 3 -4.73 -7.57 -1.97
N GLY A 4 -3.70 -7.20 -1.22
CA GLY A 4 -2.81 -8.19 -0.64
C GLY A 4 -2.31 -7.79 0.74
N PHE A 5 -1.34 -6.87 0.76
CA PHE A 5 -0.78 -6.40 2.03
C PHE A 5 -1.83 -5.67 2.86
N SER A 6 -1.42 -5.20 4.04
CA SER A 6 -2.32 -4.49 4.93
C SER A 6 -1.68 -3.22 5.46
N CYS A 7 -2.50 -2.25 5.83
CA CYS A 7 -2.00 -0.99 6.35
C CYS A 7 -2.97 -0.40 7.37
N HIS A 8 -2.61 0.74 7.96
CA HIS A 8 -3.45 1.40 8.95
C HIS A 8 -4.31 2.47 8.31
N ASP A 9 -5.57 2.55 8.73
CA ASP A 9 -6.50 3.53 8.19
C ASP A 9 -5.93 4.94 8.31
N GLY A 10 -6.14 5.75 7.27
CA GLY A 10 -5.64 7.11 7.27
C GLY A 10 -4.33 7.25 6.52
N GLU A 11 -3.57 6.16 6.45
CA GLU A 11 -2.29 6.17 5.75
C GLU A 11 -2.49 6.29 4.24
N THR A 12 -1.54 6.92 3.57
CA THR A 12 -1.62 7.11 2.12
C THR A 12 -0.92 5.97 1.39
N CYS A 13 -1.66 5.31 0.51
CA CYS A 13 -1.12 4.19 -0.27
C CYS A 13 -0.24 4.70 -1.40
N CYS A 14 1.00 4.22 -1.45
CA CYS A 14 1.94 4.62 -2.48
C CYS A 14 2.69 3.43 -3.04
N PRO A 15 3.14 3.53 -4.30
CA PRO A 15 3.88 2.46 -4.97
C PRO A 15 5.28 2.26 -4.37
N THR A 16 5.51 1.08 -3.81
CA THR A 16 6.81 0.77 -3.22
C THR A 16 7.68 -0.03 -4.18
N SER A 17 7.06 -0.95 -4.91
CA SER A 17 7.79 -1.78 -5.86
C SER A 17 7.19 -1.65 -7.25
N GLN A 18 7.73 -2.40 -8.20
CA GLN A 18 7.25 -2.38 -9.58
C GLN A 18 6.09 -3.36 -9.77
N THR A 19 6.19 -4.51 -9.12
CA THR A 19 5.15 -5.54 -9.22
C THR A 19 4.09 -5.34 -8.15
N THR A 20 4.52 -4.90 -6.98
CA THR A 20 3.59 -4.68 -5.86
C THR A 20 3.73 -3.27 -5.30
N TRP A 21 2.67 -2.77 -4.69
CA TRP A 21 2.67 -1.43 -4.11
C TRP A 21 2.79 -1.49 -2.59
N GLY A 22 2.74 -0.33 -1.95
CA GLY A 22 2.84 -0.27 -0.50
C GLY A 22 2.19 0.96 0.08
N CYS A 23 2.71 1.44 1.19
CA CYS A 23 2.17 2.63 1.86
C CYS A 23 3.26 3.68 2.06
N CYS A 24 2.84 4.92 2.27
CA CYS A 24 3.77 6.02 2.48
C CYS A 24 4.06 6.21 3.97
N CYS A 1 -8.19 0.87 -0.37
CA CYS A 1 -6.96 0.11 -0.50
C CYS A 1 -7.21 -1.37 -0.16
N GLY A 2 -7.06 -2.23 -1.17
CA GLY A 2 -7.27 -3.65 -0.95
C GLY A 2 -7.05 -4.46 -2.21
N GLY A 3 -6.34 -5.58 -2.08
CA GLY A 3 -6.08 -6.42 -3.23
C GLY A 3 -4.99 -7.45 -2.94
N GLY A 4 -3.76 -6.98 -2.78
CA GLY A 4 -2.65 -7.87 -2.52
C GLY A 4 -2.09 -7.70 -1.11
N PHE A 5 -2.10 -6.47 -0.61
CA PHE A 5 -1.60 -6.17 0.72
C PHE A 5 -2.55 -5.25 1.48
N SER A 6 -2.13 -4.80 2.65
CA SER A 6 -2.95 -3.93 3.48
C SER A 6 -2.13 -2.75 4.00
N CYS A 7 -2.80 -1.84 4.71
CA CYS A 7 -2.13 -0.67 5.26
C CYS A 7 -2.80 -0.22 6.55
N HIS A 8 -2.28 0.84 7.15
CA HIS A 8 -2.83 1.38 8.40
C HIS A 8 -3.91 2.40 8.11
N ASP A 9 -4.98 2.36 8.90
CA ASP A 9 -6.09 3.29 8.74
C ASP A 9 -5.59 4.73 8.75
N GLY A 10 -6.00 5.50 7.74
CA GLY A 10 -5.58 6.89 7.64
C GLY A 10 -4.35 7.07 6.79
N GLU A 11 -3.53 6.02 6.71
CA GLU A 11 -2.30 6.07 5.91
C GLU A 11 -2.63 6.09 4.42
N THR A 12 -1.72 6.67 3.64
CA THR A 12 -1.91 6.76 2.20
C THR A 12 -1.27 5.57 1.49
N CYS A 13 -1.84 5.20 0.34
CA CYS A 13 -1.32 4.08 -0.43
C CYS A 13 -0.45 4.58 -1.59
N CYS A 14 0.82 4.18 -1.58
CA CYS A 14 1.75 4.58 -2.61
C CYS A 14 2.58 3.39 -3.09
N PRO A 15 3.06 3.47 -4.35
CA PRO A 15 3.86 2.40 -4.96
C PRO A 15 5.25 2.30 -4.33
N THR A 16 5.51 1.17 -3.69
CA THR A 16 6.80 0.94 -3.04
C THR A 16 7.69 0.03 -3.88
N SER A 17 7.07 -0.94 -4.53
CA SER A 17 7.80 -1.88 -5.38
C SER A 17 7.14 -2.03 -6.73
N GLN A 18 7.73 -2.84 -7.60
CA GLN A 18 7.20 -3.08 -8.93
C GLN A 18 6.15 -4.18 -8.92
N THR A 19 6.37 -5.18 -8.08
CA THR A 19 5.45 -6.31 -7.97
C THR A 19 4.38 -6.04 -6.92
N THR A 20 4.77 -5.36 -5.84
CA THR A 20 3.85 -5.05 -4.75
C THR A 20 3.99 -3.59 -4.33
N TRP A 21 2.96 -3.07 -3.65
CA TRP A 21 2.98 -1.69 -3.19
C TRP A 21 3.14 -1.63 -1.67
N GLY A 22 3.11 -0.41 -1.13
CA GLY A 22 3.25 -0.24 0.31
C GLY A 22 2.62 1.04 0.80
N CYS A 23 2.73 1.30 2.09
CA CYS A 23 2.17 2.50 2.70
C CYS A 23 3.13 3.68 2.56
N CYS A 24 2.59 4.88 2.71
CA CYS A 24 3.40 6.10 2.62
C CYS A 24 2.90 7.18 3.58
N CYS A 1 -3.83 1.81 -6.37
CA CYS A 1 -3.16 0.89 -5.46
C CYS A 1 -4.01 -0.36 -5.23
N GLY A 2 -3.33 -1.49 -5.06
CA GLY A 2 -4.04 -2.75 -4.83
C GLY A 2 -4.36 -2.97 -3.37
N GLY A 3 -4.21 -4.20 -2.91
CA GLY A 3 -4.49 -4.53 -1.52
C GLY A 3 -3.75 -5.77 -1.05
N GLY A 4 -2.52 -5.94 -1.52
CA GLY A 4 -1.73 -7.10 -1.14
C GLY A 4 -0.84 -6.82 0.06
N PHE A 5 -1.40 -6.14 1.06
CA PHE A 5 -0.65 -5.81 2.26
C PHE A 5 -1.55 -5.15 3.30
N SER A 6 -1.20 -5.31 4.57
CA SER A 6 -1.98 -4.73 5.66
C SER A 6 -1.34 -3.44 6.15
N CYS A 7 -2.17 -2.47 6.51
CA CYS A 7 -1.69 -1.18 6.99
C CYS A 7 -2.69 -0.57 7.97
N HIS A 8 -2.35 0.62 8.49
CA HIS A 8 -3.22 1.31 9.44
C HIS A 8 -4.19 2.23 8.69
N ASP A 9 -5.47 2.13 9.05
CA ASP A 9 -6.50 2.96 8.42
C ASP A 9 -6.12 4.44 8.47
N GLY A 10 -6.35 5.13 7.37
CA GLY A 10 -6.03 6.54 7.30
C GLY A 10 -4.78 6.81 6.48
N GLU A 11 -3.89 5.83 6.43
CA GLU A 11 -2.65 5.96 5.67
C GLU A 11 -2.92 5.96 4.17
N THR A 12 -2.09 6.69 3.42
CA THR A 12 -2.24 6.77 1.98
C THR A 12 -1.42 5.69 1.28
N CYS A 13 -2.02 5.05 0.28
CA CYS A 13 -1.35 4.01 -0.47
C CYS A 13 -0.36 4.59 -1.46
N CYS A 14 0.87 4.08 -1.45
CA CYS A 14 1.91 4.55 -2.35
C CYS A 14 2.63 3.38 -3.00
N PRO A 15 3.19 3.63 -4.19
CA PRO A 15 3.93 2.61 -4.95
C PRO A 15 5.25 2.23 -4.30
N THR A 16 5.35 0.98 -3.85
CA THR A 16 6.57 0.50 -3.21
C THR A 16 7.38 -0.40 -4.15
N SER A 17 6.67 -1.15 -4.98
CA SER A 17 7.32 -2.06 -5.92
C SER A 17 6.58 -2.08 -7.25
N GLN A 18 6.94 -3.01 -8.12
CA GLN A 18 6.32 -3.13 -9.44
C GLN A 18 5.09 -4.04 -9.36
N THR A 19 5.16 -5.06 -8.52
CA THR A 19 4.06 -6.00 -8.36
C THR A 19 3.34 -5.79 -7.04
N THR A 20 4.10 -5.39 -6.01
CA THR A 20 3.53 -5.16 -4.69
C THR A 20 3.62 -3.69 -4.32
N TRP A 21 2.66 -3.23 -3.51
CA TRP A 21 2.63 -1.84 -3.07
C TRP A 21 2.72 -1.75 -1.55
N GLY A 22 2.62 -0.52 -1.04
CA GLY A 22 2.68 -0.32 0.41
C GLY A 22 2.26 1.08 0.80
N CYS A 23 1.56 1.19 1.92
CA CYS A 23 1.10 2.49 2.42
C CYS A 23 2.28 3.35 2.84
N CYS A 24 2.06 4.66 2.86
CA CYS A 24 3.11 5.60 3.25
C CYS A 24 3.08 5.86 4.75
N CYS A 1 -5.49 2.11 0.16
CA CYS A 1 -5.78 0.88 -0.58
C CYS A 1 -5.53 -0.35 0.28
N GLY A 2 -5.95 -1.51 -0.22
CA GLY A 2 -5.76 -2.74 0.52
C GLY A 2 -5.85 -3.97 -0.37
N GLY A 3 -5.33 -5.09 0.11
CA GLY A 3 -5.36 -6.32 -0.65
C GLY A 3 -4.54 -7.43 -0.02
N GLY A 4 -3.37 -7.70 -0.59
CA GLY A 4 -2.51 -8.73 -0.06
C GLY A 4 -1.99 -8.41 1.31
N PHE A 5 -1.64 -7.14 1.53
CA PHE A 5 -1.12 -6.70 2.82
C PHE A 5 -2.15 -5.85 3.56
N SER A 6 -1.84 -5.52 4.81
CA SER A 6 -2.74 -4.71 5.62
C SER A 6 -2.05 -3.43 6.09
N CYS A 7 -2.84 -2.38 6.32
CA CYS A 7 -2.31 -1.10 6.77
C CYS A 7 -3.29 -0.41 7.71
N HIS A 8 -2.79 0.59 8.44
CA HIS A 8 -3.63 1.34 9.38
C HIS A 8 -4.26 2.54 8.69
N ASP A 9 -5.51 2.83 9.05
CA ASP A 9 -6.23 3.95 8.47
C ASP A 9 -5.39 5.22 8.54
N GLY A 10 -5.37 5.96 7.42
CA GLY A 10 -4.60 7.20 7.37
C GLY A 10 -3.40 7.09 6.45
N GLU A 11 -2.91 5.86 6.26
CA GLU A 11 -1.76 5.63 5.40
C GLU A 11 -2.00 6.18 4.00
N THR A 12 -0.94 6.23 3.20
CA THR A 12 -1.03 6.73 1.83
C THR A 12 -0.69 5.65 0.82
N CYS A 13 -1.56 5.46 -0.16
CA CYS A 13 -1.34 4.45 -1.19
C CYS A 13 -0.34 4.94 -2.23
N CYS A 14 0.88 4.41 -2.18
CA CYS A 14 1.93 4.79 -3.10
C CYS A 14 2.68 3.57 -3.62
N PRO A 15 3.32 3.71 -4.79
CA PRO A 15 4.09 2.62 -5.40
C PRO A 15 5.37 2.31 -4.64
N THR A 16 5.44 1.10 -4.08
CA THR A 16 6.61 0.67 -3.32
C THR A 16 7.50 -0.23 -4.16
N SER A 17 6.87 -1.08 -4.98
CA SER A 17 7.61 -2.01 -5.83
C SER A 17 7.09 -1.97 -7.26
N GLN A 18 7.72 -2.75 -8.13
CA GLN A 18 7.32 -2.80 -9.53
C GLN A 18 6.18 -3.80 -9.74
N THR A 19 6.23 -4.89 -8.98
CA THR A 19 5.20 -5.92 -9.08
C THR A 19 4.06 -5.66 -8.12
N THR A 20 4.38 -5.12 -6.95
CA THR A 20 3.37 -4.81 -5.94
C THR A 20 3.58 -3.41 -5.37
N TRP A 21 2.54 -2.87 -4.75
CA TRP A 21 2.62 -1.54 -4.15
C TRP A 21 2.59 -1.63 -2.63
N GLY A 22 2.62 -0.46 -1.98
CA GLY A 22 2.59 -0.43 -0.52
C GLY A 22 2.10 0.90 0.02
N CYS A 23 2.23 1.08 1.33
CA CYS A 23 1.79 2.31 1.97
C CYS A 23 2.97 3.28 2.13
N CYS A 24 2.65 4.53 2.45
CA CYS A 24 3.67 5.56 2.63
C CYS A 24 3.83 5.92 4.10
N CYS A 1 -5.87 0.97 -0.74
CA CYS A 1 -5.61 -0.20 -1.56
C CYS A 1 -5.73 -1.48 -0.73
N GLY A 2 -5.78 -2.62 -1.40
CA GLY A 2 -5.89 -3.89 -0.72
C GLY A 2 -5.29 -5.03 -1.51
N GLY A 3 -3.98 -4.96 -1.75
CA GLY A 3 -3.29 -5.99 -2.50
C GLY A 3 -3.12 -7.27 -1.69
N GLY A 4 -2.18 -7.24 -0.76
CA GLY A 4 -1.92 -8.41 0.07
C GLY A 4 -1.33 -8.05 1.42
N PHE A 5 -1.78 -6.93 1.98
CA PHE A 5 -1.28 -6.47 3.27
C PHE A 5 -2.29 -5.54 3.94
N SER A 6 -2.06 -5.25 5.22
CA SER A 6 -2.95 -4.38 5.98
C SER A 6 -2.20 -3.16 6.51
N CYS A 7 -2.93 -2.08 6.75
CA CYS A 7 -2.34 -0.86 7.27
C CYS A 7 -3.34 -0.09 8.13
N HIS A 8 -2.91 1.06 8.65
CA HIS A 8 -3.75 1.89 9.50
C HIS A 8 -4.53 2.90 8.65
N ASP A 9 -5.82 3.03 8.94
CA ASP A 9 -6.68 3.97 8.21
C ASP A 9 -6.06 5.35 8.18
N GLY A 10 -6.08 5.99 7.01
CA GLY A 10 -5.52 7.32 6.87
C GLY A 10 -4.22 7.32 6.09
N GLU A 11 -3.50 6.20 6.13
CA GLU A 11 -2.23 6.08 5.43
C GLU A 11 -2.41 6.35 3.94
N THR A 12 -1.29 6.48 3.23
CA THR A 12 -1.32 6.74 1.80
C THR A 12 -0.69 5.59 1.02
N CYS A 13 -1.43 5.06 0.05
CA CYS A 13 -0.94 3.96 -0.76
C CYS A 13 0.05 4.46 -1.82
N CYS A 14 1.33 4.23 -1.58
CA CYS A 14 2.38 4.66 -2.50
C CYS A 14 3.03 3.46 -3.17
N PRO A 15 3.57 3.67 -4.38
CA PRO A 15 4.24 2.62 -5.15
C PRO A 15 5.57 2.20 -4.52
N THR A 16 5.64 0.95 -4.08
CA THR A 16 6.85 0.42 -3.46
C THR A 16 7.59 -0.52 -4.40
N SER A 17 6.83 -1.25 -5.21
CA SER A 17 7.40 -2.20 -6.16
C SER A 17 6.90 -1.92 -7.57
N GLN A 18 7.20 -2.84 -8.48
CA GLN A 18 6.77 -2.70 -9.87
C GLN A 18 5.41 -3.34 -10.10
N THR A 19 5.16 -4.44 -9.40
CA THR A 19 3.89 -5.15 -9.52
C THR A 19 3.00 -4.90 -8.31
N THR A 20 3.62 -4.79 -7.14
CA THR A 20 2.89 -4.55 -5.90
C THR A 20 3.21 -3.18 -5.33
N TRP A 21 2.32 -2.67 -4.48
CA TRP A 21 2.51 -1.36 -3.86
C TRP A 21 2.68 -1.50 -2.36
N GLY A 22 2.82 -0.36 -1.68
CA GLY A 22 2.98 -0.37 -0.23
C GLY A 22 2.34 0.82 0.43
N CYS A 23 2.53 0.95 1.74
CA CYS A 23 1.97 2.07 2.49
C CYS A 23 3.02 3.14 2.76
N CYS A 24 2.55 4.36 3.03
CA CYS A 24 3.45 5.47 3.29
C CYS A 24 3.38 5.88 4.77
N CYS A 1 -5.69 0.06 -3.57
CA CYS A 1 -5.87 -0.87 -2.45
C CYS A 1 -7.33 -0.97 -2.05
N GLY A 2 -7.89 -2.17 -2.19
CA GLY A 2 -9.29 -2.38 -1.83
C GLY A 2 -9.51 -3.70 -1.14
N GLY A 3 -9.72 -4.76 -1.92
CA GLY A 3 -9.95 -6.07 -1.35
C GLY A 3 -8.75 -6.99 -1.50
N GLY A 4 -7.57 -6.46 -1.21
CA GLY A 4 -6.36 -7.26 -1.33
C GLY A 4 -5.23 -6.73 -0.46
N PHE A 5 -4.82 -5.50 -0.71
CA PHE A 5 -3.75 -4.87 0.06
C PHE A 5 -4.26 -4.36 1.40
N SER A 6 -3.34 -3.90 2.24
CA SER A 6 -3.71 -3.38 3.56
C SER A 6 -2.73 -2.31 4.00
N CYS A 7 -3.20 -1.41 4.87
CA CYS A 7 -2.37 -0.32 5.37
C CYS A 7 -2.79 0.07 6.79
N HIS A 8 -2.11 1.07 7.35
CA HIS A 8 -2.42 1.54 8.69
C HIS A 8 -3.45 2.66 8.65
N ASP A 9 -4.23 2.78 9.72
CA ASP A 9 -5.27 3.80 9.81
C ASP A 9 -4.69 5.18 9.51
N GLY A 10 -5.22 5.84 8.48
CA GLY A 10 -4.75 7.15 8.12
C GLY A 10 -3.68 7.11 7.04
N GLU A 11 -2.96 5.99 6.98
CA GLU A 11 -1.90 5.83 5.98
C GLU A 11 -2.47 5.36 4.65
N THR A 12 -2.09 6.05 3.58
CA THR A 12 -2.56 5.71 2.25
C THR A 12 -1.61 4.76 1.53
N CYS A 13 -2.16 3.87 0.72
CA CYS A 13 -1.34 2.91 -0.01
C CYS A 13 -0.67 3.56 -1.22
N CYS A 14 0.64 3.39 -1.33
CA CYS A 14 1.40 3.97 -2.43
C CYS A 14 2.39 2.95 -2.99
N PRO A 15 2.75 3.12 -4.27
CA PRO A 15 3.69 2.23 -4.96
C PRO A 15 5.12 2.40 -4.45
N THR A 16 5.65 1.35 -3.84
CA THR A 16 7.01 1.38 -3.30
C THR A 16 7.98 0.64 -4.21
N SER A 17 7.50 -0.44 -4.83
CA SER A 17 8.34 -1.22 -5.73
C SER A 17 7.63 -1.46 -7.07
N GLN A 18 8.28 -2.19 -7.95
CA GLN A 18 7.70 -2.49 -9.27
C GLN A 18 6.78 -3.70 -9.20
N THR A 19 7.14 -4.67 -8.36
CA THR A 19 6.35 -5.89 -8.21
C THR A 19 5.53 -5.84 -6.92
N THR A 20 6.10 -5.24 -5.88
CA THR A 20 5.43 -5.14 -4.59
C THR A 20 5.10 -3.68 -4.27
N TRP A 21 4.05 -3.48 -3.49
CA TRP A 21 3.63 -2.14 -3.10
C TRP A 21 3.71 -1.96 -1.58
N GLY A 22 3.32 -0.78 -1.11
CA GLY A 22 3.37 -0.51 0.31
C GLY A 22 2.57 0.73 0.69
N CYS A 23 2.83 1.26 1.88
CA CYS A 23 2.13 2.45 2.36
C CYS A 23 3.08 3.64 2.44
N CYS A 24 2.53 4.84 2.28
CA CYS A 24 3.33 6.06 2.34
C CYS A 24 2.66 7.10 3.24
#